data_2JJO
#
_entry.id   2JJO
#
_cell.length_a   57.840
_cell.length_b   36.526
_cell.length_c   96.004
_cell.angle_alpha   90.00
_cell.angle_beta   93.92
_cell.angle_gamma   90.00
#
_symmetry.space_group_name_H-M   'P 1 21 1'
#
loop_
_entity.id
_entity.type
_entity.pdbx_description
1 polymer 'CYTOCHROME P450 113A1'
2 non-polymer 'PROTOPORPHYRIN IX CONTAINING FE'
3 non-polymer 'Erythromycin D'
4 water water
#
_entity_poly.entity_id   1
_entity_poly.type   'polypeptide(L)'
_entity_poly.pdbx_seq_one_letter_code
;MFADVETTCCARRTLTTIDEVPGMADETALLDWLGTMREKQPVWQDRYGVWHVFRHADVQTVLRDTATFSSDPTRVIEGA
SPTPGMIHEIDPPEHRALRKVVSSAFTPRTISDLEPRIRDVTRSLLADAGESFDLVDVLAFPLPVTIVAELLGLPPMDHE
QFGDWSGALVDIQMDDPTDPALAERIADVLNPLTAYLKARCAERRADPGDDLISRLVLAEVDGRALDDEEAANFSTALLL
AGHITTTVLLGNIVRTLDEHPAHWDAAAEDPGRIPAIVEEVLRYRPPFPQMQRTTTKATEVAGVPIPADVMVNTWVLSAN
RDSDAHDDPDRFDPSRKSGGAAQLSFGHGVHFCLGAPLARLENRVALEEIIARFGRLTVDRDDERLRHFEQIVLGTRHLP
VLAGSSPRQSA
;
_entity_poly.pdbx_strand_id   A
#
# COMPACT_ATOMS: atom_id res chain seq x y z
N ASP A 19 5.38 7.15 26.92
CA ASP A 19 5.58 6.42 25.61
C ASP A 19 4.83 7.06 24.45
N GLU A 20 3.82 6.38 23.93
CA GLU A 20 2.93 6.90 22.89
C GLU A 20 3.59 7.43 21.57
N VAL A 21 3.60 6.54 20.58
CA VAL A 21 3.77 6.90 19.17
C VAL A 21 2.64 7.87 18.79
N PRO A 22 2.93 9.02 18.16
CA PRO A 22 1.80 9.82 17.67
C PRO A 22 0.97 9.06 16.62
N GLY A 23 -0.30 9.41 16.47
CA GLY A 23 -1.14 8.74 15.47
C GLY A 23 -0.78 9.19 14.06
N MET A 24 -1.28 8.50 13.04
CA MET A 24 -1.03 8.87 11.64
C MET A 24 -1.75 10.16 11.26
N ALA A 25 -2.83 10.50 11.96
CA ALA A 25 -3.69 11.59 11.50
C ALA A 25 -3.01 12.96 11.57
N ASP A 26 -2.15 13.17 12.57
CA ASP A 26 -1.39 14.41 12.65
C ASP A 26 -0.01 14.20 12.06
N GLU A 27 0.11 14.50 10.77
CA GLU A 27 1.31 14.12 10.02
C GLU A 27 2.54 14.86 10.55
N THR A 28 2.38 16.17 10.74
CA THR A 28 3.44 17.02 11.27
C THR A 28 3.97 16.49 12.61
N ALA A 29 3.07 16.16 13.54
CA ALA A 29 3.47 15.67 14.87
C ALA A 29 4.25 14.36 14.70
N LEU A 30 3.72 13.49 13.83
CA LEU A 30 4.36 12.21 13.58
C LEU A 30 5.71 12.40 12.98
N LEU A 31 5.83 13.21 11.91
CA LEU A 31 7.13 13.43 11.30
C LEU A 31 8.19 13.98 12.28
N ASP A 32 7.78 14.96 13.10
CA ASP A 32 8.67 15.59 14.11
C ASP A 32 9.13 14.52 15.09
N TRP A 33 8.20 13.68 15.54
CA TRP A 33 8.56 12.63 16.48
C TRP A 33 9.55 11.66 15.83
N LEU A 34 9.29 11.25 14.57
CA LEU A 34 10.24 10.36 13.87
C LEU A 34 11.64 10.95 13.75
N GLY A 35 11.73 12.23 13.43
CA GLY A 35 13.04 12.92 13.35
C GLY A 35 13.81 12.91 14.67
N THR A 36 13.12 13.15 15.78
CA THR A 36 13.75 13.09 17.10
C THR A 36 14.26 11.66 17.39
N MET A 37 13.50 10.66 16.97
CA MET A 37 13.91 9.26 17.18
C MET A 37 15.11 8.86 16.32
N ARG A 38 15.13 9.27 15.06
CA ARG A 38 16.29 9.08 14.22
C ARG A 38 17.56 9.65 14.88
N GLU A 39 17.38 10.77 15.56
CA GLU A 39 18.46 11.51 16.20
C GLU A 39 18.88 10.84 17.51
N LYS A 40 17.92 10.49 18.37
CA LYS A 40 18.21 10.16 19.77
C LYS A 40 17.91 8.72 20.21
N GLN A 41 17.09 8.00 19.45
CA GLN A 41 16.79 6.63 19.81
C GLN A 41 16.39 5.87 18.54
N PRO A 42 17.37 5.61 17.65
CA PRO A 42 17.07 5.02 16.33
C PRO A 42 16.59 3.57 16.35
N VAL A 43 16.69 2.89 17.50
CA VAL A 43 16.18 1.53 17.70
C VAL A 43 15.50 1.59 19.07
N TRP A 44 14.16 1.54 19.12
CA TRP A 44 13.42 1.86 20.33
C TRP A 44 12.42 0.78 20.70
N GLN A 45 12.45 0.36 21.95
CA GLN A 45 11.54 -0.65 22.45
C GLN A 45 10.36 0.06 23.08
N ASP A 46 9.16 -0.22 22.60
CA ASP A 46 7.95 0.45 23.15
C ASP A 46 7.33 -0.32 24.34
N ARG A 47 6.25 0.23 24.87
CA ARG A 47 5.65 -0.35 26.08
C ARG A 47 5.03 -1.72 25.89
N TYR A 48 4.84 -2.13 24.63
CA TYR A 48 4.36 -3.47 24.30
C TYR A 48 5.50 -4.47 23.98
N GLY A 49 6.74 -4.00 24.10
CA GLY A 49 7.94 -4.80 23.76
C GLY A 49 8.18 -4.88 22.26
N VAL A 50 7.56 -3.97 21.51
CA VAL A 50 7.77 -3.87 20.04
C VAL A 50 8.96 -2.95 19.76
N TRP A 51 9.81 -3.36 18.82
CA TRP A 51 11.07 -2.68 18.56
C TRP A 51 10.96 -1.91 17.27
N HIS A 52 11.12 -0.62 17.37
CA HIS A 52 10.93 0.29 16.23
C HIS A 52 12.28 0.68 15.66
N VAL A 53 12.38 0.63 14.34
CA VAL A 53 13.61 0.92 13.63
C VAL A 53 13.37 2.14 12.70
N PHE A 54 14.14 3.22 12.91
CA PHE A 54 13.87 4.57 12.36
C PHE A 54 14.78 5.05 11.23
N ARG A 55 16.01 4.54 11.19
CA ARG A 55 16.95 4.96 10.16
C ARG A 55 16.90 4.11 8.88
N HIS A 56 17.02 4.80 7.73
CA HIS A 56 17.07 4.17 6.41
C HIS A 56 17.99 2.96 6.33
N ALA A 57 19.27 3.15 6.66
CA ALA A 57 20.23 2.05 6.58
C ALA A 57 19.80 0.84 7.41
N ASP A 58 19.27 1.06 8.63
CA ASP A 58 18.84 -0.04 9.52
C ASP A 58 17.54 -0.71 9.02
N VAL A 59 16.62 0.09 8.49
CA VAL A 59 15.42 -0.46 7.82
C VAL A 59 15.83 -1.35 6.68
N GLN A 60 16.76 -0.88 5.83
CA GLN A 60 17.25 -1.77 4.75
C GLN A 60 17.89 -3.06 5.29
N THR A 61 18.69 -2.95 6.34
CA THR A 61 19.33 -4.11 6.95
C THR A 61 18.28 -5.12 7.38
N VAL A 62 17.25 -4.64 8.07
CA VAL A 62 16.23 -5.52 8.65
C VAL A 62 15.45 -6.22 7.52
N LEU A 63 15.09 -5.46 6.49
CA LEU A 63 14.26 -6.00 5.43
C LEU A 63 14.99 -6.99 4.55
N ARG A 64 16.29 -6.81 4.45
CA ARG A 64 17.12 -7.69 3.65
C ARG A 64 17.32 -9.02 4.33
N ASP A 65 17.41 -9.00 5.65
CA ASP A 65 17.77 -10.22 6.38
C ASP A 65 16.54 -10.98 6.82
N THR A 66 15.99 -11.80 5.93
CA THR A 66 14.76 -12.55 6.24
C THR A 66 14.96 -13.73 7.21
N ALA A 67 16.18 -14.26 7.27
CA ALA A 67 16.52 -15.38 8.17
C ALA A 67 16.37 -14.93 9.62
N THR A 68 16.83 -13.71 9.90
CA THR A 68 16.68 -13.11 11.25
C THR A 68 15.33 -12.45 11.46
N PHE A 69 14.85 -11.70 10.47
CA PHE A 69 13.61 -10.93 10.62
C PHE A 69 12.55 -11.52 9.73
N SER A 70 11.85 -12.51 10.29
CA SER A 70 10.72 -13.17 9.65
C SER A 70 9.52 -12.22 9.40
N SER A 71 8.82 -12.44 8.30
CA SER A 71 7.58 -11.72 8.01
C SER A 71 6.35 -12.36 8.70
N ASP A 72 6.54 -13.51 9.35
CA ASP A 72 5.45 -14.21 10.06
C ASP A 72 5.24 -13.65 11.48
N PRO A 73 4.11 -12.96 11.74
CA PRO A 73 3.93 -12.35 13.08
C PRO A 73 3.58 -13.37 14.13
N THR A 74 3.19 -14.57 13.69
CA THR A 74 2.48 -15.46 14.58
C THR A 74 3.43 -16.02 15.63
N ARG A 75 4.71 -16.06 15.30
CA ARG A 75 5.80 -16.39 16.24
C ARG A 75 5.68 -15.68 17.60
N VAL A 76 5.20 -14.44 17.61
CA VAL A 76 5.15 -13.64 18.83
C VAL A 76 3.74 -13.37 19.31
N ILE A 77 2.76 -14.01 18.67
CA ILE A 77 1.37 -13.86 19.08
C ILE A 77 0.98 -15.14 19.83
N GLU A 78 0.84 -15.01 21.15
CA GLU A 78 0.54 -16.14 22.03
C GLU A 78 -0.61 -17.00 21.53
N GLY A 79 -0.30 -18.26 21.26
CA GLY A 79 -1.30 -19.22 20.83
C GLY A 79 -1.73 -19.13 19.38
N ALA A 80 -1.09 -18.23 18.61
CA ALA A 80 -1.42 -18.11 17.18
C ALA A 80 -0.70 -19.16 16.36
N SER A 81 -1.32 -19.54 15.24
CA SER A 81 -0.72 -20.41 14.26
C SER A 81 -0.69 -19.57 12.94
N PRO A 82 0.26 -19.86 12.01
CA PRO A 82 0.33 -19.16 10.72
C PRO A 82 -0.99 -19.19 9.95
N THR A 83 -1.32 -18.12 9.22
CA THR A 83 -2.50 -18.15 8.35
C THR A 83 -1.98 -18.71 7.02
N PRO A 84 -2.41 -19.92 6.63
CA PRO A 84 -1.88 -20.52 5.40
C PRO A 84 -2.13 -19.69 4.15
N GLY A 85 -1.24 -19.72 3.17
CA GLY A 85 -1.42 -18.97 1.91
C GLY A 85 -1.10 -17.48 1.95
N MET A 86 -0.69 -16.97 3.12
CA MET A 86 -0.45 -15.52 3.26
C MET A 86 0.95 -15.15 2.81
N ILE A 87 1.07 -14.83 1.52
CA ILE A 87 2.37 -14.58 0.91
C ILE A 87 3.26 -13.56 1.68
N HIS A 88 2.64 -12.49 2.17
CA HIS A 88 3.33 -11.45 2.91
C HIS A 88 3.80 -11.91 4.31
N GLU A 89 3.40 -13.11 4.73
CA GLU A 89 3.82 -13.68 6.03
C GLU A 89 4.66 -14.96 5.94
N ILE A 90 5.15 -15.27 4.74
CA ILE A 90 5.93 -16.48 4.53
C ILE A 90 7.33 -16.08 4.16
N ASP A 91 8.32 -16.87 4.63
CA ASP A 91 9.74 -16.57 4.39
C ASP A 91 10.34 -17.56 3.38
N PRO A 92 11.52 -17.25 2.83
CA PRO A 92 12.24 -18.28 2.11
C PRO A 92 12.49 -19.50 3.03
N PRO A 93 12.55 -20.71 2.46
CA PRO A 93 12.43 -21.05 1.04
C PRO A 93 11.00 -21.17 0.53
N GLU A 94 10.01 -21.21 1.43
CA GLU A 94 8.59 -21.35 1.01
C GLU A 94 8.05 -20.20 0.14
N HIS A 95 8.50 -18.97 0.44
CA HIS A 95 8.04 -17.73 -0.25
C HIS A 95 8.17 -17.81 -1.77
N ARG A 96 9.35 -18.25 -2.26
CA ARG A 96 9.64 -18.31 -3.72
C ARG A 96 8.52 -19.03 -4.49
N ALA A 97 8.14 -20.20 -3.99
CA ALA A 97 7.17 -21.09 -4.67
C ALA A 97 5.77 -20.46 -4.75
N LEU A 98 5.35 -19.78 -3.68
CA LEU A 98 4.04 -19.11 -3.69
C LEU A 98 4.04 -17.89 -4.62
N ARG A 99 5.07 -17.07 -4.50
CA ARG A 99 5.13 -15.86 -5.30
C ARG A 99 5.19 -16.20 -6.81
N LYS A 100 5.88 -17.29 -7.14
CA LYS A 100 6.01 -17.76 -8.55
C LYS A 100 4.64 -18.03 -9.19
N VAL A 101 3.68 -18.43 -8.38
CA VAL A 101 2.30 -18.69 -8.86
C VAL A 101 1.72 -17.51 -9.61
N VAL A 102 1.98 -16.29 -9.11
CA VAL A 102 1.35 -15.08 -9.63
C VAL A 102 2.32 -14.07 -10.30
N SER A 103 3.61 -14.33 -10.23
CA SER A 103 4.59 -13.35 -10.62
C SER A 103 4.45 -12.95 -12.10
N SER A 104 4.09 -13.89 -12.96
CA SER A 104 4.00 -13.53 -14.38
C SER A 104 2.81 -12.63 -14.69
N ALA A 105 1.83 -12.58 -13.81
CA ALA A 105 0.67 -11.70 -13.97
C ALA A 105 1.07 -10.26 -13.80
N PHE A 106 2.25 -10.03 -13.24
CA PHE A 106 2.59 -8.66 -12.88
C PHE A 106 3.83 -8.09 -13.58
N THR A 107 4.31 -8.75 -14.63
CA THR A 107 5.48 -8.28 -15.37
C THR A 107 5.20 -6.93 -16.06
N PRO A 108 6.25 -6.12 -16.31
CA PRO A 108 5.98 -4.86 -16.98
C PRO A 108 5.23 -5.01 -18.29
N ARG A 109 5.60 -6.01 -19.09
CA ARG A 109 4.95 -6.13 -20.42
C ARG A 109 3.45 -6.48 -20.29
N THR A 110 3.14 -7.34 -19.32
CA THR A 110 1.77 -7.80 -19.13
C THR A 110 0.95 -6.65 -18.56
N ILE A 111 1.52 -5.97 -17.56
CA ILE A 111 0.88 -4.79 -16.96
C ILE A 111 0.65 -3.67 -17.95
N SER A 112 1.58 -3.49 -18.90
CA SER A 112 1.44 -2.36 -19.81
C SER A 112 0.23 -2.52 -20.72
N ASP A 113 -0.23 -3.75 -20.90
CA ASP A 113 -1.39 -4.01 -21.73
C ASP A 113 -2.65 -3.46 -21.09
N LEU A 114 -2.57 -3.19 -19.79
CA LEU A 114 -3.74 -2.67 -19.03
C LEU A 114 -3.93 -1.15 -19.14
N GLU A 115 -2.96 -0.43 -19.74
CA GLU A 115 -3.06 1.01 -19.86
C GLU A 115 -4.35 1.51 -20.54
N PRO A 116 -4.76 0.92 -21.69
CA PRO A 116 -5.98 1.42 -22.32
C PRO A 116 -7.18 1.27 -21.40
N ARG A 117 -7.33 0.11 -20.76
CA ARG A 117 -8.46 -0.12 -19.86
C ARG A 117 -8.45 0.87 -18.69
N ILE A 118 -7.27 1.01 -18.06
CA ILE A 118 -7.10 1.97 -16.96
C ILE A 118 -7.47 3.37 -17.40
N ARG A 119 -6.99 3.79 -18.58
CA ARG A 119 -7.25 5.14 -19.05
C ARG A 119 -8.74 5.36 -19.37
N ASP A 120 -9.38 4.35 -19.95
CA ASP A 120 -10.82 4.36 -20.22
C ASP A 120 -11.64 4.54 -18.97
N VAL A 121 -11.34 3.75 -17.93
CA VAL A 121 -12.03 3.86 -16.66
C VAL A 121 -11.83 5.26 -16.07
N THR A 122 -10.57 5.73 -16.04
CA THR A 122 -10.24 6.98 -15.40
C THR A 122 -10.97 8.13 -16.12
N ARG A 123 -10.91 8.11 -17.45
CA ARG A 123 -11.44 9.26 -18.22
C ARG A 123 -12.98 9.34 -18.07
N SER A 124 -13.64 8.19 -18.11
CA SER A 124 -15.08 8.11 -17.94
C SER A 124 -15.50 8.58 -16.53
N LEU A 125 -14.76 8.15 -15.50
CA LEU A 125 -15.07 8.54 -14.09
C LEU A 125 -14.95 10.03 -13.88
N LEU A 126 -13.87 10.60 -14.40
CA LEU A 126 -13.59 12.05 -14.28
C LEU A 126 -14.57 12.93 -15.04
N ALA A 127 -15.04 12.44 -16.20
CA ALA A 127 -15.92 13.24 -17.07
C ALA A 127 -17.25 13.53 -16.39
N ASP A 128 -17.69 12.65 -15.50
CA ASP A 128 -18.96 12.88 -14.82
C ASP A 128 -18.82 13.62 -13.50
N ALA A 129 -17.61 14.05 -13.15
CA ALA A 129 -17.42 14.77 -11.89
C ALA A 129 -17.84 16.23 -12.08
N GLY A 130 -18.47 16.84 -11.10
CA GLY A 130 -18.71 18.28 -11.21
C GLY A 130 -17.40 19.07 -11.15
N GLU A 131 -17.55 20.37 -10.86
CA GLU A 131 -16.45 21.29 -10.63
C GLU A 131 -15.94 21.15 -9.18
N SER A 132 -16.74 20.54 -8.34
CA SER A 132 -16.36 20.33 -6.93
C SER A 132 -16.67 18.89 -6.67
N PHE A 133 -15.67 18.10 -6.24
CA PHE A 133 -15.94 16.71 -5.97
C PHE A 133 -14.91 16.11 -5.02
N ASP A 134 -15.27 14.97 -4.43
CA ASP A 134 -14.35 14.21 -3.61
C ASP A 134 -13.52 13.32 -4.55
N LEU A 135 -12.22 13.59 -4.67
CA LEU A 135 -11.36 12.75 -5.48
C LEU A 135 -11.47 11.26 -5.13
N VAL A 136 -11.63 10.95 -3.83
CA VAL A 136 -11.68 9.57 -3.39
C VAL A 136 -12.92 8.84 -3.93
N ASP A 137 -14.13 9.38 -3.67
CA ASP A 137 -15.36 8.70 -4.12
C ASP A 137 -15.42 8.68 -5.66
N VAL A 138 -14.95 9.74 -6.31
CA VAL A 138 -15.05 9.77 -7.78
C VAL A 138 -14.02 8.84 -8.47
N LEU A 139 -12.74 8.96 -8.11
CA LEU A 139 -11.70 8.24 -8.84
C LEU A 139 -10.79 7.35 -7.98
N ALA A 140 -10.27 7.88 -6.88
CA ALA A 140 -9.19 7.17 -6.18
C ALA A 140 -9.63 5.81 -5.66
N PHE A 141 -10.89 5.69 -5.25
CA PHE A 141 -11.41 4.38 -4.84
C PHE A 141 -11.89 3.54 -6.06
N PRO A 142 -12.82 4.08 -6.87
CA PRO A 142 -13.31 3.24 -7.96
C PRO A 142 -12.28 2.78 -8.98
N LEU A 143 -11.27 3.58 -9.30
CA LEU A 143 -10.32 3.08 -10.29
C LEU A 143 -9.59 1.83 -9.75
N PRO A 144 -8.83 1.96 -8.63
CA PRO A 144 -8.07 0.78 -8.16
C PRO A 144 -8.95 -0.47 -7.84
N VAL A 145 -10.13 -0.30 -7.25
CA VAL A 145 -11.02 -1.46 -6.96
C VAL A 145 -11.49 -2.17 -8.27
N THR A 146 -11.77 -1.37 -9.31
CA THR A 146 -12.15 -1.92 -10.63
C THR A 146 -11.03 -2.73 -11.22
N ILE A 147 -9.81 -2.18 -11.23
CA ILE A 147 -8.69 -2.87 -11.88
C ILE A 147 -8.32 -4.15 -11.12
N VAL A 148 -8.37 -4.10 -9.78
CA VAL A 148 -8.06 -5.34 -9.03
C VAL A 148 -9.20 -6.39 -9.14
N ALA A 149 -10.45 -5.92 -9.15
CA ALA A 149 -11.60 -6.85 -9.30
C ALA A 149 -11.47 -7.52 -10.65
N GLU A 150 -11.13 -6.74 -11.68
CA GLU A 150 -10.97 -7.25 -13.02
C GLU A 150 -9.78 -8.24 -13.09
N LEU A 151 -8.70 -7.92 -12.38
CA LEU A 151 -7.52 -8.81 -12.32
C LEU A 151 -7.89 -10.18 -11.73
N LEU A 152 -8.78 -10.14 -10.74
CA LEU A 152 -9.28 -11.36 -10.08
C LEU A 152 -10.56 -11.99 -10.69
N GLY A 153 -11.08 -11.39 -11.76
CA GLY A 153 -12.29 -11.90 -12.39
C GLY A 153 -13.59 -11.69 -11.64
N LEU A 154 -13.66 -10.66 -10.82
CA LEU A 154 -14.82 -10.36 -9.94
C LEU A 154 -15.74 -9.32 -10.57
N PRO A 155 -17.05 -9.39 -10.28
CA PRO A 155 -17.98 -8.48 -10.94
C PRO A 155 -18.07 -7.13 -10.26
N PRO A 156 -18.43 -6.10 -11.04
CA PRO A 156 -18.53 -4.71 -10.55
C PRO A 156 -19.52 -4.49 -9.40
N MET A 157 -20.57 -5.32 -9.32
CA MET A 157 -21.58 -5.21 -8.27
C MET A 157 -20.98 -5.40 -6.88
N ASP A 158 -19.79 -6.02 -6.82
CA ASP A 158 -19.16 -6.38 -5.55
C ASP A 158 -18.13 -5.36 -5.04
N HIS A 159 -17.90 -4.28 -5.81
CA HIS A 159 -16.93 -3.25 -5.44
C HIS A 159 -17.25 -2.60 -4.10
N GLU A 160 -18.54 -2.38 -3.80
CA GLU A 160 -18.92 -1.74 -2.53
C GLU A 160 -18.61 -2.59 -1.29
N GLN A 161 -18.89 -3.88 -1.38
CA GLN A 161 -18.47 -4.87 -0.37
C GLN A 161 -16.99 -4.74 -0.10
N PHE A 162 -16.19 -4.63 -1.18
CA PHE A 162 -14.72 -4.52 -1.05
C PHE A 162 -14.28 -3.27 -0.29
N GLY A 163 -14.90 -2.14 -0.58
CA GLY A 163 -14.56 -0.95 0.18
C GLY A 163 -14.99 -1.08 1.64
N ASP A 164 -16.17 -1.69 1.87
CA ASP A 164 -16.66 -1.84 3.23
C ASP A 164 -15.72 -2.75 4.01
N TRP A 165 -15.32 -3.86 3.40
CA TRP A 165 -14.46 -4.81 4.11
C TRP A 165 -13.06 -4.23 4.41
N SER A 166 -12.49 -3.57 3.44
CA SER A 166 -11.22 -2.85 3.61
C SER A 166 -11.24 -1.79 4.68
N GLY A 167 -12.28 -0.97 4.64
CA GLY A 167 -12.45 0.07 5.61
C GLY A 167 -12.55 -0.50 7.03
N ALA A 168 -13.21 -1.65 7.16
CA ALA A 168 -13.41 -2.28 8.48
C ALA A 168 -12.06 -2.74 9.04
N LEU A 169 -11.25 -3.33 8.16
CA LEU A 169 -9.92 -3.79 8.52
C LEU A 169 -9.04 -2.59 8.88
N VAL A 170 -9.02 -1.57 8.02
CA VAL A 170 -8.15 -0.41 8.22
C VAL A 170 -8.48 0.34 9.49
N ASP A 171 -9.76 0.30 9.91
CA ASP A 171 -10.23 0.96 11.14
C ASP A 171 -10.44 0.01 12.36
N ILE A 172 -9.96 -1.22 12.27
CA ILE A 172 -10.07 -2.19 13.36
C ILE A 172 -9.48 -1.62 14.67
N GLN A 173 -10.16 -1.83 15.79
CA GLN A 173 -9.62 -1.35 17.07
C GLN A 173 -8.31 -2.10 17.32
N MET A 174 -7.25 -1.36 17.63
CA MET A 174 -5.91 -1.90 17.65
C MET A 174 -5.10 -1.05 18.62
N ASP A 175 -4.32 -1.70 19.47
CA ASP A 175 -3.33 -0.99 20.25
C ASP A 175 -2.04 -1.82 20.18
N ASP A 176 -1.93 -2.83 21.03
CA ASP A 176 -0.79 -3.72 21.00
C ASP A 176 -0.92 -4.69 19.79
N PRO A 177 0.04 -4.63 18.85
CA PRO A 177 -0.04 -5.48 17.63
C PRO A 177 0.35 -6.94 17.86
N THR A 178 0.83 -7.26 19.06
CA THR A 178 1.11 -8.66 19.41
C THR A 178 -0.06 -9.32 20.19
N ASP A 179 -1.13 -8.55 20.44
CA ASP A 179 -2.23 -9.07 21.20
C ASP A 179 -2.93 -10.20 20.38
N PRO A 180 -3.08 -11.42 20.94
CA PRO A 180 -3.81 -12.43 20.17
C PRO A 180 -5.27 -12.06 19.93
N ALA A 181 -5.83 -11.20 20.79
CA ALA A 181 -7.21 -10.72 20.55
C ALA A 181 -7.27 -9.84 19.29
N LEU A 182 -6.21 -9.10 19.01
CA LEU A 182 -6.22 -8.36 17.74
C LEU A 182 -6.26 -9.32 16.55
N ALA A 183 -5.49 -10.42 16.62
CA ALA A 183 -5.34 -11.32 15.49
C ALA A 183 -6.66 -11.98 15.25
N GLU A 184 -7.35 -12.30 16.35
CA GLU A 184 -8.68 -12.88 16.31
C GLU A 184 -9.69 -11.92 15.74
N ARG A 185 -9.62 -10.65 16.16
CA ARG A 185 -10.47 -9.60 15.60
C ARG A 185 -10.25 -9.44 14.09
N ILE A 186 -8.99 -9.46 13.67
CA ILE A 186 -8.67 -9.44 12.22
C ILE A 186 -9.27 -10.59 11.47
N ALA A 187 -9.18 -11.78 12.03
CA ALA A 187 -9.82 -12.94 11.41
C ALA A 187 -11.33 -12.74 11.25
N ASP A 188 -12.00 -12.29 12.31
CA ASP A 188 -13.44 -12.01 12.27
C ASP A 188 -13.81 -11.00 11.17
N VAL A 189 -13.10 -9.88 11.12
CA VAL A 189 -13.37 -8.88 10.09
C VAL A 189 -13.17 -9.40 8.65
N LEU A 190 -12.18 -10.27 8.43
CA LEU A 190 -11.90 -10.76 7.07
C LEU A 190 -12.73 -11.96 6.71
N ASN A 191 -13.41 -12.53 7.71
CA ASN A 191 -14.20 -13.77 7.54
C ASN A 191 -15.17 -13.68 6.34
N PRO A 192 -15.98 -12.62 6.25
CA PRO A 192 -16.89 -12.55 5.08
C PRO A 192 -16.15 -12.46 3.73
N LEU A 193 -15.07 -11.67 3.70
CA LEU A 193 -14.33 -11.45 2.48
C LEU A 193 -13.67 -12.75 2.06
N THR A 194 -13.00 -13.39 3.02
CA THR A 194 -12.36 -14.68 2.75
C THR A 194 -13.40 -15.74 2.30
N ALA A 195 -14.57 -15.78 2.95
CA ALA A 195 -15.63 -16.78 2.57
C ALA A 195 -16.09 -16.53 1.14
N TYR A 196 -16.28 -15.25 0.82
CA TYR A 196 -16.66 -14.84 -0.53
C TYR A 196 -15.65 -15.29 -1.54
N LEU A 197 -14.36 -15.07 -1.26
CA LEU A 197 -13.33 -15.41 -2.25
C LEU A 197 -13.13 -16.93 -2.39
N LYS A 198 -13.37 -17.67 -1.31
CA LYS A 198 -13.35 -19.13 -1.30
C LYS A 198 -14.41 -19.66 -2.25
N ALA A 199 -15.58 -19.04 -2.21
CA ALA A 199 -16.65 -19.39 -3.14
C ALA A 199 -16.24 -19.12 -4.58
N ARG A 200 -15.50 -18.02 -4.82
CA ARG A 200 -15.08 -17.68 -6.18
C ARG A 200 -13.97 -18.61 -6.64
N CYS A 201 -13.08 -19.03 -5.71
CA CYS A 201 -12.00 -20.01 -6.03
C CYS A 201 -12.62 -21.34 -6.50
N ALA A 202 -13.55 -21.87 -5.71
CA ALA A 202 -14.34 -23.05 -6.10
C ALA A 202 -14.96 -22.91 -7.52
N GLU A 203 -15.62 -21.79 -7.82
CA GLU A 203 -16.12 -21.53 -9.18
C GLU A 203 -15.03 -21.59 -10.26
N ARG A 204 -13.87 -20.99 -10.04
CA ARG A 204 -12.81 -21.03 -11.06
C ARG A 204 -12.17 -22.41 -11.30
N ARG A 205 -12.13 -23.25 -10.26
CA ARG A 205 -11.68 -24.64 -10.44
C ARG A 205 -12.60 -25.41 -11.39
N ALA A 206 -13.90 -25.13 -11.30
CA ALA A 206 -14.90 -25.75 -12.17
C ALA A 206 -14.96 -25.09 -13.55
N ASP A 207 -14.87 -23.76 -13.60
CA ASP A 207 -14.78 -23.09 -14.90
C ASP A 207 -13.76 -21.95 -14.92
N PRO A 208 -12.50 -22.26 -15.24
CA PRO A 208 -11.36 -21.33 -15.20
C PRO A 208 -11.44 -20.24 -16.27
N GLY A 209 -10.77 -19.11 -16.06
CA GLY A 209 -10.76 -17.97 -16.97
C GLY A 209 -9.33 -17.51 -17.08
N ASP A 210 -9.09 -16.35 -17.71
CA ASP A 210 -7.73 -15.82 -17.85
C ASP A 210 -7.22 -15.25 -16.51
N ASP A 211 -8.14 -15.02 -15.58
CA ASP A 211 -7.91 -14.24 -14.37
C ASP A 211 -7.00 -14.85 -13.30
N LEU A 212 -6.63 -14.01 -12.35
CA LEU A 212 -5.64 -14.38 -11.33
C LEU A 212 -6.13 -15.46 -10.36
N ILE A 213 -7.42 -15.44 -10.06
CA ILE A 213 -7.94 -16.47 -9.16
C ILE A 213 -7.81 -17.83 -9.84
N SER A 214 -8.18 -17.89 -11.13
CA SER A 214 -8.09 -19.14 -11.93
C SER A 214 -6.66 -19.64 -11.92
N ARG A 215 -5.73 -18.72 -12.14
CA ARG A 215 -4.32 -19.07 -12.16
C ARG A 215 -3.88 -19.63 -10.79
N LEU A 216 -4.33 -19.00 -9.72
CA LEU A 216 -3.89 -19.47 -8.42
C LEU A 216 -4.52 -20.80 -7.98
N VAL A 217 -5.80 -21.01 -8.34
CA VAL A 217 -6.43 -22.29 -7.99
C VAL A 217 -5.90 -23.47 -8.79
N LEU A 218 -5.37 -23.24 -9.98
CA LEU A 218 -4.89 -24.35 -10.85
C LEU A 218 -3.38 -24.63 -10.77
N ALA A 219 -2.68 -23.81 -9.98
CA ALA A 219 -1.23 -23.88 -9.86
C ALA A 219 -0.80 -25.07 -9.00
N GLU A 220 0.46 -25.46 -9.17
CA GLU A 220 1.11 -26.39 -8.28
C GLU A 220 2.18 -25.67 -7.48
N VAL A 221 2.09 -25.76 -6.15
CA VAL A 221 3.18 -25.30 -5.28
C VAL A 221 3.65 -26.52 -4.50
N ASP A 222 4.96 -26.76 -4.49
CA ASP A 222 5.49 -28.01 -3.93
C ASP A 222 4.77 -29.29 -4.39
N GLY A 223 4.58 -29.43 -5.70
CA GLY A 223 3.95 -30.63 -6.28
C GLY A 223 2.51 -30.89 -5.89
N ARG A 224 1.82 -29.87 -5.37
CA ARG A 224 0.39 -29.98 -5.04
C ARG A 224 -0.33 -28.63 -5.17
N ALA A 225 -1.56 -28.67 -5.62
CA ALA A 225 -2.41 -27.50 -5.63
C ALA A 225 -2.49 -26.89 -4.22
N LEU A 226 -2.70 -25.58 -4.17
CA LEU A 226 -3.08 -24.93 -2.93
C LEU A 226 -4.38 -25.53 -2.41
N ASP A 227 -4.46 -25.82 -1.11
CA ASP A 227 -5.72 -26.30 -0.57
C ASP A 227 -6.74 -25.16 -0.56
N ASP A 228 -7.99 -25.45 -0.18
CA ASP A 228 -9.04 -24.47 -0.36
C ASP A 228 -8.81 -23.23 0.52
N GLU A 229 -8.29 -23.49 1.71
CA GLU A 229 -8.01 -22.45 2.71
C GLU A 229 -6.86 -21.53 2.21
N GLU A 230 -5.77 -22.14 1.74
CA GLU A 230 -4.60 -21.43 1.21
C GLU A 230 -4.98 -20.55 0.03
N ALA A 231 -5.75 -21.08 -0.91
CA ALA A 231 -6.10 -20.28 -2.07
C ALA A 231 -7.07 -19.16 -1.70
N ALA A 232 -7.97 -19.37 -0.74
CA ALA A 232 -8.89 -18.30 -0.38
C ALA A 232 -8.12 -17.20 0.38
N ASN A 233 -7.17 -17.59 1.23
CA ASN A 233 -6.39 -16.60 1.98
C ASN A 233 -5.47 -15.82 1.04
N PHE A 234 -4.82 -16.52 0.12
CA PHE A 234 -3.98 -15.89 -0.91
C PHE A 234 -4.79 -14.87 -1.72
N SER A 235 -6.00 -15.23 -2.16
CA SER A 235 -6.87 -14.32 -2.90
C SER A 235 -7.24 -13.09 -2.05
N THR A 236 -7.41 -13.27 -0.74
CA THR A 236 -7.82 -12.20 0.16
C THR A 236 -6.66 -11.21 0.23
N ALA A 237 -5.44 -11.71 0.39
CA ALA A 237 -4.26 -10.85 0.40
C ALA A 237 -4.11 -10.11 -0.93
N LEU A 238 -4.30 -10.81 -2.07
CA LEU A 238 -4.19 -10.16 -3.38
C LEU A 238 -5.22 -9.02 -3.52
N LEU A 239 -6.45 -9.26 -3.11
CA LEU A 239 -7.47 -8.23 -3.24
C LEU A 239 -7.16 -6.98 -2.40
N LEU A 240 -6.81 -7.19 -1.14
CA LEU A 240 -6.50 -6.10 -0.23
C LEU A 240 -5.27 -5.32 -0.69
N ALA A 241 -4.25 -6.04 -1.17
CA ALA A 241 -3.00 -5.42 -1.61
C ALA A 241 -3.26 -4.58 -2.85
N GLY A 242 -4.25 -5.01 -3.64
CA GLY A 242 -4.49 -4.46 -4.95
C GLY A 242 -5.21 -3.12 -5.00
N HIS A 243 -5.82 -2.65 -3.92
CA HIS A 243 -6.54 -1.36 -4.03
C HIS A 243 -6.27 -0.36 -2.92
N ILE A 244 -6.09 -0.82 -1.67
CA ILE A 244 -6.16 0.16 -0.59
C ILE A 244 -5.04 1.21 -0.75
N THR A 245 -3.80 0.77 -0.92
CA THR A 245 -2.65 1.69 -1.01
C THR A 245 -2.61 2.51 -2.33
N THR A 246 -3.15 1.94 -3.42
CA THR A 246 -3.26 2.69 -4.67
C THR A 246 -4.19 3.87 -4.51
N THR A 247 -5.30 3.62 -3.81
CA THR A 247 -6.24 4.70 -3.50
C THR A 247 -5.53 5.78 -2.67
N VAL A 248 -4.86 5.35 -1.61
CA VAL A 248 -4.19 6.28 -0.71
C VAL A 248 -3.14 7.13 -1.48
N LEU A 249 -2.38 6.48 -2.36
CA LEU A 249 -1.30 7.19 -3.07
C LEU A 249 -1.89 8.24 -4.01
N LEU A 250 -2.96 7.91 -4.71
CA LEU A 250 -3.47 8.89 -5.69
C LEU A 250 -3.95 10.13 -4.94
N GLY A 251 -4.56 9.89 -3.78
CA GLY A 251 -4.96 11.00 -2.90
C GLY A 251 -3.77 11.79 -2.43
N ASN A 252 -2.72 11.08 -2.04
CA ASN A 252 -1.53 11.75 -1.55
C ASN A 252 -0.86 12.53 -2.70
N ILE A 253 -0.99 12.05 -3.93
CA ILE A 253 -0.33 12.75 -5.05
C ILE A 253 -0.98 14.15 -5.18
N VAL A 254 -2.32 14.20 -5.24
CA VAL A 254 -3.00 15.46 -5.52
C VAL A 254 -2.82 16.41 -4.32
N ARG A 255 -3.04 15.89 -3.12
CA ARG A 255 -2.76 16.62 -1.88
C ARG A 255 -1.34 17.19 -1.87
N THR A 256 -0.34 16.41 -2.31
CA THR A 256 1.08 16.89 -2.28
C THR A 256 1.32 17.96 -3.36
N LEU A 257 0.78 17.76 -4.56
CA LEU A 257 0.83 18.77 -5.64
C LEU A 257 0.16 20.07 -5.19
N ASP A 258 -0.95 19.91 -4.49
CA ASP A 258 -1.67 21.07 -3.94
C ASP A 258 -0.78 21.87 -2.98
N GLU A 259 0.11 21.19 -2.26
CA GLU A 259 1.03 21.88 -1.35
C GLU A 259 2.24 22.46 -2.09
N HIS A 260 2.52 21.97 -3.30
CA HIS A 260 3.68 22.38 -4.11
C HIS A 260 3.22 22.65 -5.56
N PRO A 261 2.29 23.61 -5.73
CA PRO A 261 1.55 23.64 -6.97
C PRO A 261 2.30 24.06 -8.21
N ALA A 262 3.51 24.62 -8.07
CA ALA A 262 4.32 24.90 -9.24
C ALA A 262 4.47 23.65 -10.08
N HIS A 263 4.34 22.48 -9.45
CA HIS A 263 4.49 21.22 -10.20
C HIS A 263 3.29 20.85 -11.09
N TRP A 264 2.17 21.53 -10.90
CA TRP A 264 1.01 21.23 -11.74
C TRP A 264 1.36 21.75 -13.12
N ASP A 265 1.90 22.97 -13.19
CA ASP A 265 2.23 23.50 -14.53
C ASP A 265 3.43 22.80 -15.19
N ALA A 266 4.43 22.46 -14.41
CA ALA A 266 5.57 21.72 -14.93
C ALA A 266 5.12 20.39 -15.59
N ALA A 267 4.19 19.69 -14.93
CA ALA A 267 3.63 18.44 -15.44
C ALA A 267 2.75 18.63 -16.67
N ALA A 268 1.96 19.71 -16.70
CA ALA A 268 1.14 20.03 -17.89
C ALA A 268 2.06 20.33 -19.09
N GLU A 269 3.15 21.04 -18.82
CA GLU A 269 4.12 21.38 -19.86
C GLU A 269 4.92 20.16 -20.36
N ASP A 270 5.30 19.29 -19.43
CA ASP A 270 6.04 18.07 -19.78
C ASP A 270 5.45 16.87 -18.99
N PRO A 271 4.43 16.20 -19.58
CA PRO A 271 3.81 15.03 -18.92
C PRO A 271 4.78 13.88 -18.59
N GLY A 272 5.92 13.79 -19.31
CA GLY A 272 6.98 12.82 -19.02
C GLY A 272 7.59 12.97 -17.62
N ARG A 273 7.25 14.06 -16.91
CA ARG A 273 7.65 14.32 -15.51
C ARG A 273 6.82 13.53 -14.50
N ILE A 274 5.68 13.05 -14.94
CA ILE A 274 4.72 12.44 -14.02
C ILE A 274 5.26 11.20 -13.27
N PRO A 275 5.94 10.25 -13.97
CA PRO A 275 6.46 9.11 -13.19
C PRO A 275 7.38 9.50 -12.06
N ALA A 276 8.22 10.51 -12.29
CA ALA A 276 9.09 11.08 -11.26
C ALA A 276 8.31 11.73 -10.09
N ILE A 277 7.26 12.47 -10.43
CA ILE A 277 6.34 12.97 -9.41
C ILE A 277 5.75 11.83 -8.57
N VAL A 278 5.28 10.77 -9.20
CA VAL A 278 4.76 9.60 -8.50
C VAL A 278 5.79 8.96 -7.55
N GLU A 279 7.02 8.76 -8.03
CA GLU A 279 8.07 8.19 -7.19
C GLU A 279 8.35 9.06 -5.98
N GLU A 280 8.35 10.38 -6.21
CA GLU A 280 8.65 11.32 -5.15
C GLU A 280 7.51 11.42 -4.15
N VAL A 281 6.24 11.33 -4.59
CA VAL A 281 5.12 11.32 -3.62
C VAL A 281 5.17 10.04 -2.78
N LEU A 282 5.43 8.90 -3.44
CA LEU A 282 5.72 7.67 -2.72
C LEU A 282 6.77 7.86 -1.63
N ARG A 283 7.88 8.53 -1.95
CA ARG A 283 8.97 8.68 -0.96
C ARG A 283 8.43 9.58 0.16
N TYR A 284 7.76 10.65 -0.27
CA TYR A 284 7.38 11.75 0.61
C TYR A 284 6.25 11.31 1.54
N ARG A 285 5.24 10.65 1.01
CA ARG A 285 4.13 10.20 1.83
C ARG A 285 3.77 8.74 1.52
N PRO A 286 4.58 7.78 2.02
CA PRO A 286 4.29 6.36 1.75
C PRO A 286 2.92 5.96 2.29
N PRO A 287 2.07 5.39 1.43
CA PRO A 287 0.74 4.90 1.89
C PRO A 287 0.80 3.96 3.12
N PHE A 288 1.80 3.08 3.16
CA PHE A 288 1.98 2.12 4.24
C PHE A 288 3.31 2.54 4.90
N PRO A 289 3.23 3.33 5.97
CA PRO A 289 4.41 3.99 6.55
C PRO A 289 5.28 3.08 7.44
N GLN A 290 4.78 1.91 7.83
CA GLN A 290 5.53 1.05 8.73
C GLN A 290 5.19 -0.41 8.38
N MET A 291 6.08 -1.36 8.69
CA MET A 291 5.77 -2.75 8.48
C MET A 291 6.41 -3.60 9.57
N GLN A 292 5.85 -4.78 9.82
CA GLN A 292 6.34 -5.54 10.97
C GLN A 292 7.11 -6.76 10.53
N ARG A 293 8.09 -7.14 11.34
CA ARG A 293 8.84 -8.38 11.24
C ARG A 293 8.87 -9.05 12.64
N THR A 294 9.41 -10.26 12.71
CA THR A 294 9.65 -10.91 14.02
C THR A 294 11.03 -11.54 14.06
N THR A 295 11.74 -11.35 15.18
CA THR A 295 13.10 -11.88 15.25
C THR A 295 13.03 -13.39 15.48
N THR A 296 13.88 -14.13 14.76
CA THR A 296 13.93 -15.57 14.91
C THR A 296 15.04 -16.03 15.88
N LYS A 297 15.88 -15.08 16.30
CA LYS A 297 17.04 -15.33 17.15
C LYS A 297 17.50 -14.01 17.73
N ALA A 298 18.30 -14.10 18.80
CA ALA A 298 18.94 -12.94 19.39
C ALA A 298 19.67 -12.21 18.27
N THR A 299 19.47 -10.90 18.21
CA THR A 299 20.12 -10.14 17.13
C THR A 299 20.46 -8.69 17.55
N GLU A 300 20.94 -7.90 16.59
CA GLU A 300 21.44 -6.60 16.84
C GLU A 300 21.09 -5.70 15.69
N VAL A 301 20.62 -4.49 15.97
CA VAL A 301 20.45 -3.47 14.93
C VAL A 301 21.23 -2.21 15.36
N ALA A 302 22.19 -1.81 14.53
CA ALA A 302 23.03 -0.67 14.84
C ALA A 302 23.57 -0.75 16.30
N GLY A 303 24.14 -1.91 16.67
CA GLY A 303 24.67 -2.07 18.03
C GLY A 303 23.63 -2.21 19.17
N VAL A 304 22.34 -2.16 18.83
CA VAL A 304 21.31 -2.29 19.89
C VAL A 304 20.82 -3.71 19.98
N PRO A 305 21.01 -4.35 21.15
CA PRO A 305 20.66 -5.77 21.30
C PRO A 305 19.12 -5.99 21.28
N ILE A 306 18.67 -6.87 20.39
CA ILE A 306 17.26 -7.24 20.34
C ILE A 306 17.09 -8.75 20.65
N PRO A 307 16.20 -9.12 21.60
CA PRO A 307 16.08 -10.56 21.84
C PRO A 307 15.38 -11.33 20.73
N ALA A 308 15.50 -12.65 20.83
CA ALA A 308 14.68 -13.58 20.04
C ALA A 308 13.16 -13.43 20.27
N ASP A 309 12.38 -13.75 19.25
CA ASP A 309 10.94 -13.87 19.34
C ASP A 309 10.25 -12.58 19.73
N VAL A 310 10.68 -11.45 19.18
CA VAL A 310 9.89 -10.21 19.40
C VAL A 310 9.52 -9.59 18.09
N MET A 311 8.56 -8.67 18.13
CA MET A 311 8.14 -7.94 16.98
C MET A 311 9.00 -6.69 16.77
N VAL A 312 9.36 -6.47 15.52
CA VAL A 312 10.10 -5.32 15.05
C VAL A 312 9.21 -4.53 14.06
N ASN A 313 9.17 -3.21 14.26
CA ASN A 313 8.47 -2.29 13.41
C ASN A 313 9.45 -1.37 12.66
N THR A 314 9.54 -1.57 11.33
CA THR A 314 10.34 -0.73 10.44
C THR A 314 9.53 0.44 9.92
N TRP A 315 10.01 1.66 10.23
CA TRP A 315 9.36 2.90 9.78
C TRP A 315 9.87 3.31 8.43
N VAL A 316 9.22 2.82 7.38
CA VAL A 316 9.49 3.27 6.00
C VAL A 316 9.36 4.80 5.92
N LEU A 317 8.37 5.36 6.59
CA LEU A 317 8.16 6.80 6.56
C LEU A 317 9.35 7.54 7.14
N SER A 318 9.92 7.01 8.23
CA SER A 318 11.10 7.64 8.83
C SER A 318 12.34 7.47 7.96
N ALA A 319 12.54 6.28 7.40
CA ALA A 319 13.63 6.00 6.46
C ALA A 319 13.64 6.94 5.26
N ASN A 320 12.44 7.17 4.69
CA ASN A 320 12.28 8.08 3.55
C ASN A 320 12.57 9.53 3.85
N ARG A 321 12.44 9.93 5.10
CA ARG A 321 12.77 11.30 5.50
C ARG A 321 14.13 11.41 6.23
N ASP A 322 14.99 10.40 6.09
CA ASP A 322 16.28 10.31 6.77
C ASP A 322 17.34 11.07 5.93
N SER A 323 17.98 12.09 6.48
CA SER A 323 18.91 12.90 5.71
C SER A 323 20.18 12.18 5.34
N ASP A 324 20.51 11.09 6.04
CA ASP A 324 21.64 10.25 5.65
C ASP A 324 21.34 9.54 4.33
N ALA A 325 20.06 9.38 4.03
CA ALA A 325 19.66 8.70 2.79
C ALA A 325 19.20 9.67 1.67
N HIS A 326 18.52 10.75 2.06
CA HIS A 326 17.99 11.70 1.10
C HIS A 326 18.38 13.14 1.50
N ASP A 327 19.11 13.85 0.62
CA ASP A 327 19.51 15.26 0.91
C ASP A 327 18.26 16.11 1.04
N ASP A 328 18.23 17.06 1.98
CA ASP A 328 17.05 17.89 2.19
C ASP A 328 15.72 17.05 2.11
N PRO A 329 15.61 16.04 2.99
CA PRO A 329 14.63 14.96 2.90
C PRO A 329 13.16 15.40 2.99
N ASP A 330 12.90 16.57 3.60
CA ASP A 330 11.54 17.05 3.72
C ASP A 330 11.16 18.08 2.62
N ARG A 331 12.08 18.28 1.66
CA ARG A 331 11.76 19.01 0.45
C ARG A 331 11.15 18.05 -0.61
N PHE A 332 9.97 18.38 -1.08
CA PHE A 332 9.35 17.62 -2.14
C PHE A 332 10.10 17.97 -3.45
N ASP A 333 10.73 16.98 -4.08
CA ASP A 333 11.62 17.23 -5.24
C ASP A 333 11.62 16.06 -6.20
N PRO A 334 10.77 16.10 -7.21
CA PRO A 334 10.71 15.04 -8.24
C PRO A 334 12.00 14.79 -8.98
N SER A 335 12.96 15.73 -8.95
CA SER A 335 14.22 15.52 -9.68
C SER A 335 15.20 14.56 -8.98
N ARG A 336 14.88 14.15 -7.73
CA ARG A 336 15.67 13.11 -7.01
C ARG A 336 15.83 11.87 -7.86
N LYS A 337 16.92 11.13 -7.69
CA LYS A 337 17.18 10.02 -8.63
C LYS A 337 16.51 8.70 -8.24
N SER A 338 15.76 8.70 -7.15
CA SER A 338 15.33 7.46 -6.55
C SER A 338 14.04 6.99 -7.18
N GLY A 339 13.84 5.66 -7.22
CA GLY A 339 12.78 5.01 -7.99
C GLY A 339 13.13 3.54 -8.25
N GLY A 340 12.42 2.90 -9.17
CA GLY A 340 12.59 1.48 -9.45
C GLY A 340 12.59 0.60 -8.21
N ALA A 341 13.51 -0.36 -8.19
CA ALA A 341 13.68 -1.26 -7.07
C ALA A 341 14.14 -0.56 -5.80
N ALA A 342 14.69 0.65 -5.93
CA ALA A 342 15.10 1.45 -4.75
C ALA A 342 13.95 2.22 -4.07
N GLN A 343 12.71 2.00 -4.53
CA GLN A 343 11.53 2.66 -3.94
C GLN A 343 11.09 1.94 -2.66
N LEU A 344 11.56 2.44 -1.52
CA LEU A 344 11.36 1.75 -0.26
C LEU A 344 9.86 1.67 0.12
N SER A 345 9.06 2.61 -0.40
CA SER A 345 7.62 2.61 -0.12
C SER A 345 6.88 1.43 -0.72
N PHE A 346 7.59 0.66 -1.57
CA PHE A 346 7.16 -0.63 -2.08
C PHE A 346 7.83 -1.80 -1.33
N GLY A 347 8.59 -1.47 -0.28
CA GLY A 347 9.32 -2.50 0.46
C GLY A 347 10.73 -2.62 -0.09
N HIS A 348 11.38 -3.75 0.25
CA HIS A 348 12.79 -3.91 -0.06
C HIS A 348 13.14 -5.39 0.06
N GLY A 349 13.68 -5.96 -1.01
CA GLY A 349 14.21 -7.30 -0.92
C GLY A 349 13.18 -8.26 -1.44
N VAL A 350 13.04 -9.40 -0.76
CA VAL A 350 12.23 -10.49 -1.32
C VAL A 350 10.74 -10.21 -1.40
N HIS A 351 10.20 -9.43 -0.46
CA HIS A 351 8.75 -9.09 -0.50
C HIS A 351 8.43 -7.78 -1.25
N PHE A 352 9.41 -7.20 -1.93
CA PHE A 352 9.16 -5.98 -2.71
C PHE A 352 7.86 -6.12 -3.50
N CYS A 353 6.99 -5.10 -3.36
CA CYS A 353 5.65 -5.11 -3.93
C CYS A 353 5.55 -5.73 -5.31
N LEU A 354 4.81 -6.83 -5.39
CA LEU A 354 4.46 -7.42 -6.69
C LEU A 354 3.68 -6.48 -7.62
N GLY A 355 2.80 -5.65 -7.03
CA GLY A 355 1.95 -4.74 -7.81
C GLY A 355 2.60 -3.43 -8.23
N ALA A 356 3.91 -3.26 -7.94
CA ALA A 356 4.56 -1.97 -8.18
C ALA A 356 4.38 -1.37 -9.59
N PRO A 357 4.64 -2.16 -10.64
CA PRO A 357 4.36 -1.56 -11.96
C PRO A 357 2.89 -1.15 -12.15
N LEU A 358 1.95 -1.96 -11.64
CA LEU A 358 0.52 -1.68 -11.75
C LEU A 358 0.13 -0.39 -10.97
N ALA A 359 0.58 -0.28 -9.72
CA ALA A 359 0.38 0.97 -8.95
C ALA A 359 0.98 2.16 -9.67
N ARG A 360 2.17 2.00 -10.24
CA ARG A 360 2.82 3.15 -10.91
C ARG A 360 2.03 3.52 -12.15
N LEU A 361 1.56 2.52 -12.88
CA LEU A 361 0.79 2.81 -14.10
C LEU A 361 -0.57 3.48 -13.76
N GLU A 362 -1.33 2.91 -12.82
CA GLU A 362 -2.64 3.49 -12.44
C GLU A 362 -2.48 4.93 -12.00
N ASN A 363 -1.48 5.21 -11.15
CA ASN A 363 -1.23 6.59 -10.72
C ASN A 363 -0.68 7.52 -11.81
N ARG A 364 0.15 7.00 -12.70
CA ARG A 364 0.54 7.81 -13.85
C ARG A 364 -0.67 8.20 -14.72
N VAL A 365 -1.48 7.22 -15.09
CA VAL A 365 -2.62 7.49 -15.93
C VAL A 365 -3.58 8.42 -15.21
N ALA A 366 -3.78 8.19 -13.91
CA ALA A 366 -4.74 9.04 -13.18
C ALA A 366 -4.31 10.49 -13.23
N LEU A 367 -3.01 10.71 -12.96
CA LEU A 367 -2.50 12.06 -12.93
C LEU A 367 -2.54 12.67 -14.35
N GLU A 368 -2.19 11.90 -15.39
CA GLU A 368 -2.30 12.44 -16.78
C GLU A 368 -3.70 12.93 -17.11
N GLU A 369 -4.71 12.14 -16.71
CA GLU A 369 -6.10 12.44 -17.02
C GLU A 369 -6.67 13.57 -16.19
N ILE A 370 -6.20 13.66 -14.96
CA ILE A 370 -6.56 14.80 -14.12
C ILE A 370 -6.08 16.11 -14.80
N ILE A 371 -4.82 16.13 -15.21
CA ILE A 371 -4.27 17.33 -15.83
C ILE A 371 -4.91 17.57 -17.20
N ALA A 372 -5.11 16.50 -17.98
CA ALA A 372 -5.82 16.63 -19.25
C ALA A 372 -7.20 17.33 -19.14
N ARG A 373 -8.01 16.90 -18.19
CA ARG A 373 -9.36 17.43 -18.07
C ARG A 373 -9.35 18.77 -17.37
N PHE A 374 -8.62 18.85 -16.25
CA PHE A 374 -8.74 20.00 -15.32
C PHE A 374 -7.56 20.96 -15.32
N GLY A 375 -6.38 20.55 -15.81
CA GLY A 375 -5.17 21.38 -15.68
C GLY A 375 -4.59 21.20 -14.28
N ARG A 376 -5.39 21.51 -13.25
CA ARG A 376 -5.04 21.19 -11.86
C ARG A 376 -6.27 21.05 -11.00
N LEU A 377 -6.12 20.38 -9.85
CA LEU A 377 -7.15 20.38 -8.84
C LEU A 377 -6.62 21.16 -7.62
N THR A 378 -7.50 21.92 -6.99
CA THR A 378 -7.16 22.60 -5.74
C THR A 378 -7.85 21.79 -4.64
N VAL A 379 -7.13 21.48 -3.58
CA VAL A 379 -7.77 20.81 -2.44
C VAL A 379 -8.59 21.85 -1.69
N ASP A 380 -9.80 21.50 -1.27
CA ASP A 380 -10.56 22.41 -0.43
C ASP A 380 -10.30 22.03 1.01
N ARG A 381 -9.30 22.68 1.58
CA ARG A 381 -8.72 22.30 2.85
C ARG A 381 -9.67 22.51 4.03
N ASP A 382 -10.70 23.33 3.84
CA ASP A 382 -11.64 23.66 4.89
C ASP A 382 -12.96 22.86 4.73
N ASP A 383 -13.00 21.90 3.79
CA ASP A 383 -14.20 21.07 3.59
C ASP A 383 -14.15 19.96 4.64
N GLU A 384 -15.25 19.74 5.36
CA GLU A 384 -15.15 18.91 6.59
C GLU A 384 -14.98 17.44 6.29
N ARG A 385 -15.07 17.06 5.01
CA ARG A 385 -14.88 15.65 4.66
C ARG A 385 -13.41 15.31 4.59
N LEU A 386 -12.53 16.31 4.60
CA LEU A 386 -11.14 16.01 4.60
C LEU A 386 -10.73 15.60 6.01
N ARG A 387 -10.56 14.30 6.19
CA ARG A 387 -10.24 13.68 7.46
C ARG A 387 -9.18 12.66 7.09
N HIS A 388 -8.07 12.70 7.83
CA HIS A 388 -6.99 11.75 7.71
C HIS A 388 -7.32 10.39 8.36
N PHE A 389 -6.79 9.30 7.80
CA PHE A 389 -6.83 8.00 8.50
C PHE A 389 -6.06 8.10 9.82
N GLU A 390 -6.61 7.51 10.87
CA GLU A 390 -6.01 7.55 12.21
C GLU A 390 -4.85 6.52 12.36
N GLN A 391 -4.91 5.44 11.60
CA GLN A 391 -3.96 4.35 11.80
C GLN A 391 -3.66 3.60 10.52
N ILE A 392 -2.58 2.83 10.57
CA ILE A 392 -2.22 1.84 9.57
C ILE A 392 -1.73 2.45 8.24
N VAL A 393 -2.54 3.33 7.64
CA VAL A 393 -2.09 3.99 6.39
C VAL A 393 -1.87 5.48 6.61
N LEU A 394 -1.14 6.07 5.67
CA LEU A 394 -0.84 7.47 5.70
C LEU A 394 -1.56 8.16 4.55
N GLY A 395 -2.71 8.77 4.85
CA GLY A 395 -3.57 9.29 3.81
C GLY A 395 -4.79 9.98 4.37
N THR A 396 -5.69 10.38 3.46
CA THR A 396 -6.98 10.97 3.81
C THR A 396 -8.14 10.10 3.30
N ARG A 397 -9.22 10.05 4.04
CA ARG A 397 -10.37 9.19 3.67
C ARG A 397 -11.13 9.77 2.52
N HIS A 398 -11.13 11.11 2.45
CA HIS A 398 -11.70 11.87 1.37
C HIS A 398 -10.78 13.03 1.07
N LEU A 399 -10.82 13.48 -0.18
CA LEU A 399 -10.04 14.65 -0.60
C LEU A 399 -10.95 15.50 -1.46
N PRO A 400 -11.70 16.41 -0.81
CA PRO A 400 -12.57 17.33 -1.56
C PRO A 400 -11.71 18.24 -2.44
N VAL A 401 -12.02 18.33 -3.72
CA VAL A 401 -11.18 19.14 -4.61
C VAL A 401 -12.04 20.09 -5.40
N LEU A 402 -11.39 21.07 -5.99
CA LEU A 402 -12.06 22.02 -6.85
C LEU A 402 -11.35 22.08 -8.18
N ALA A 403 -12.10 22.02 -9.27
CA ALA A 403 -11.50 22.00 -10.60
C ALA A 403 -10.81 23.33 -10.90
N GLY A 404 -9.54 23.24 -11.29
CA GLY A 404 -8.81 24.44 -11.72
C GLY A 404 -9.55 25.00 -12.91
N SER A 405 -9.62 24.21 -13.97
CA SER A 405 -10.46 24.56 -15.10
C SER A 405 -11.24 23.28 -15.37
N SER A 406 -12.22 23.33 -16.27
CA SER A 406 -12.73 22.07 -16.83
C SER A 406 -13.52 22.36 -18.11
N PRO A 407 -13.81 21.33 -18.93
CA PRO A 407 -14.57 21.44 -20.18
C PRO A 407 -16.00 21.89 -19.95
N ARG A 408 -16.41 21.95 -18.68
CA ARG A 408 -17.77 22.32 -18.35
C ARG A 408 -18.02 23.83 -18.35
N GLN A 409 -16.95 24.61 -18.21
CA GLN A 409 -17.06 26.07 -18.08
C GLN A 409 -17.54 26.74 -19.38
N SER A 410 -18.49 27.67 -19.25
CA SER A 410 -19.16 28.25 -20.42
C SER A 410 -18.71 29.67 -20.75
N ALA A 411 -19.54 30.38 -21.52
CA ALA A 411 -19.26 31.75 -21.98
C ALA A 411 -19.26 32.84 -20.87
#